data_3A2P
#
_entry.id   3A2P
#
_cell.length_a   130.750
_cell.length_b   130.750
_cell.length_c   58.230
_cell.angle_alpha   90.00
_cell.angle_beta   90.00
_cell.angle_gamma   120.00
#
_symmetry.space_group_name_H-M   'P 62'
#
loop_
_entity.id
_entity.type
_entity.pdbx_description
1 polymer '6-aminohexanoate-cyclic-dimer hydrolase'
2 non-polymer GLYCEROL
3 water water
#
_entity_poly.entity_id   1
_entity_poly.type   'polypeptide(L)'
_entity_poly.pdbx_seq_one_letter_code
;MSKVDLWQDATAQAELVRSGEISRTELLEATIAHVQAVNPEINAVIIPLFEKARRESELASGPFAGVPYLLKDLTVVSQG
DINTSSIKGMKESGYRADHDAYFVQRMRAAGFVLLGKTNTPEMGNQVTTEPEAWGATRNPWNLGRSVGGSSGGSGAAVAA
ALSPVAHGNDAAGSVRIPASVCGVVGLKPTRGRISPGPLVTDSDNVAGAAHEGLFARSVRDIAALLDVVSGHRPGDTFCA
PTASRPYAQGISENPGSLRVGVLTHNPVGDFALDPECAAAARGAAAALAALGHDVNDAYPEALGDRSFLKDYSTICDVAI
AREIERNGELIGRPLTEDDVEWTSWEMVKRADQVTGRAFAACVDELRYYAGKVERWWEAGWDLLILPTVTRQTPEIGELM
LAKGTDLEGRQSAFISGSLQMLAFTVPFNVSGQPAISLPIGMSSDGMPIGVQIVAAYGREDLLLQVAAQLEGALPWVARR
PQLLNPSRKIPAA
;
_entity_poly.pdbx_strand_id   A
#
loop_
_chem_comp.id
_chem_comp.type
_chem_comp.name
_chem_comp.formula
GOL non-polymer GLYCEROL 'C3 H8 O3'
#
# COMPACT_ATOMS: atom_id res chain seq x y z
N LYS A 3 -25.78 -16.01 -3.73
CA LYS A 3 -24.50 -16.23 -2.99
C LYS A 3 -23.33 -16.47 -3.93
N VAL A 4 -22.71 -15.37 -4.37
CA VAL A 4 -21.58 -15.44 -5.28
C VAL A 4 -20.31 -15.76 -4.47
N ASP A 5 -19.39 -16.50 -5.09
CA ASP A 5 -18.14 -16.83 -4.42
C ASP A 5 -17.24 -15.61 -4.46
N LEU A 6 -17.26 -14.83 -3.39
CA LEU A 6 -16.47 -13.61 -3.31
C LEU A 6 -14.97 -13.83 -3.14
N TRP A 7 -14.52 -15.09 -3.16
CA TRP A 7 -13.09 -15.36 -3.03
C TRP A 7 -12.42 -15.37 -4.40
N GLN A 8 -13.22 -15.24 -5.45
CA GLN A 8 -12.70 -15.21 -6.81
C GLN A 8 -12.06 -13.83 -6.99
N ASP A 9 -11.01 -13.73 -7.79
CA ASP A 9 -10.37 -12.43 -7.98
C ASP A 9 -11.19 -11.54 -8.91
N ALA A 10 -10.78 -10.27 -9.03
CA ALA A 10 -11.48 -9.31 -9.88
C ALA A 10 -11.69 -9.79 -11.31
N THR A 11 -10.67 -10.41 -11.89
CA THR A 11 -10.76 -10.91 -13.25
C THR A 11 -11.85 -11.97 -13.36
N ALA A 12 -11.91 -12.85 -12.36
CA ALA A 12 -12.91 -13.91 -12.36
C ALA A 12 -14.31 -13.37 -12.12
N GLN A 13 -14.42 -12.41 -11.20
CA GLN A 13 -15.71 -11.81 -10.89
C GLN A 13 -16.24 -11.02 -12.07
N ALA A 14 -15.32 -10.42 -12.84
CA ALA A 14 -15.70 -9.65 -14.02
C ALA A 14 -16.25 -10.60 -15.07
N GLU A 15 -15.62 -11.76 -15.19
CA GLU A 15 -16.02 -12.76 -16.16
C GLU A 15 -17.41 -13.32 -15.83
N LEU A 16 -17.67 -13.57 -14.55
CA LEU A 16 -18.97 -14.09 -14.13
C LEU A 16 -20.08 -13.16 -14.58
N VAL A 17 -19.81 -11.86 -14.52
CA VAL A 17 -20.78 -10.86 -14.94
C VAL A 17 -20.87 -10.83 -16.47
N ARG A 18 -19.71 -10.76 -17.12
CA ARG A 18 -19.66 -10.71 -18.58
C ARG A 18 -20.31 -11.97 -19.15
N SER A 19 -19.97 -13.11 -18.55
CA SER A 19 -20.49 -14.40 -18.96
C SER A 19 -22.00 -14.48 -18.77
N GLY A 20 -22.52 -13.63 -17.89
CA GLY A 20 -23.95 -13.65 -17.63
C GLY A 20 -24.29 -14.67 -16.56
N GLU A 21 -23.28 -15.41 -16.11
CA GLU A 21 -23.48 -16.41 -15.08
C GLU A 21 -24.12 -15.78 -13.86
N ILE A 22 -23.85 -14.49 -13.65
CA ILE A 22 -24.42 -13.75 -12.53
C ILE A 22 -24.68 -12.32 -12.99
N SER A 23 -25.58 -11.63 -12.31
CA SER A 23 -25.94 -10.26 -12.65
C SER A 23 -25.06 -9.25 -11.92
N ARG A 24 -25.02 -8.02 -12.44
CA ARG A 24 -24.23 -6.96 -11.83
C ARG A 24 -24.80 -6.63 -10.47
N THR A 25 -26.13 -6.61 -10.39
CA THR A 25 -26.81 -6.31 -9.15
C THR A 25 -26.63 -7.46 -8.16
N GLU A 26 -26.53 -8.67 -8.68
CA GLU A 26 -26.35 -9.85 -7.83
C GLU A 26 -24.99 -9.74 -7.14
N LEU A 27 -23.95 -9.58 -7.94
CA LEU A 27 -22.59 -9.46 -7.42
C LEU A 27 -22.49 -8.31 -6.41
N LEU A 28 -22.99 -7.15 -6.80
CA LEU A 28 -22.94 -5.97 -5.94
C LEU A 28 -23.68 -6.22 -4.63
N GLU A 29 -24.95 -6.61 -4.72
CA GLU A 29 -25.75 -6.86 -3.52
C GLU A 29 -25.13 -7.95 -2.65
N ALA A 30 -24.57 -8.97 -3.29
CA ALA A 30 -23.94 -10.07 -2.56
C ALA A 30 -22.73 -9.52 -1.80
N THR A 31 -22.03 -8.57 -2.43
CA THR A 31 -20.86 -7.96 -1.83
C THR A 31 -21.26 -7.04 -0.69
N ILE A 32 -22.31 -6.24 -0.91
CA ILE A 32 -22.78 -5.32 0.12
C ILE A 32 -23.22 -6.11 1.36
N ALA A 33 -23.95 -7.19 1.14
CA ALA A 33 -24.43 -8.02 2.25
C ALA A 33 -23.25 -8.55 3.05
N HIS A 34 -22.24 -9.07 2.35
CA HIS A 34 -21.05 -9.60 2.98
C HIS A 34 -20.37 -8.53 3.82
N VAL A 35 -20.29 -7.32 3.28
CA VAL A 35 -19.67 -6.20 3.98
C VAL A 35 -20.42 -5.87 5.27
N GLN A 36 -21.73 -5.78 5.19
CA GLN A 36 -22.55 -5.47 6.36
C GLN A 36 -22.41 -6.49 7.47
N ALA A 37 -22.15 -7.74 7.09
CA ALA A 37 -22.00 -8.82 8.07
C ALA A 37 -20.59 -8.96 8.66
N VAL A 38 -19.58 -8.81 7.81
CA VAL A 38 -18.19 -8.95 8.23
C VAL A 38 -17.47 -7.69 8.70
N ASN A 39 -17.68 -6.58 8.00
CA ASN A 39 -17.01 -5.32 8.35
C ASN A 39 -17.15 -4.85 9.80
N PRO A 40 -18.31 -5.09 10.43
CA PRO A 40 -18.43 -4.64 11.83
C PRO A 40 -17.33 -5.18 12.72
N GLU A 41 -16.87 -6.40 12.42
CA GLU A 41 -15.83 -7.04 13.21
C GLU A 41 -14.41 -6.52 12.96
N ILE A 42 -14.16 -6.02 11.76
CA ILE A 42 -12.81 -5.54 11.45
C ILE A 42 -12.66 -4.04 11.25
N ASN A 43 -13.77 -3.33 11.06
CA ASN A 43 -13.74 -1.89 10.87
C ASN A 43 -12.74 -1.48 9.78
N ALA A 44 -12.84 -2.13 8.63
CA ALA A 44 -11.94 -1.86 7.50
C ALA A 44 -12.55 -0.74 6.64
N VAL A 45 -13.81 -0.90 6.26
CA VAL A 45 -14.50 0.09 5.46
C VAL A 45 -15.14 1.08 6.44
N ILE A 46 -14.65 2.31 6.44
CA ILE A 46 -15.18 3.32 7.36
C ILE A 46 -16.27 4.18 6.75
N ILE A 47 -16.27 4.30 5.42
CA ILE A 47 -17.26 5.12 4.73
C ILE A 47 -17.93 4.33 3.61
N PRO A 48 -19.11 3.75 3.89
CA PRO A 48 -19.82 2.98 2.88
C PRO A 48 -20.36 3.91 1.79
N LEU A 49 -20.36 3.46 0.55
CA LEU A 49 -20.86 4.25 -0.57
C LEU A 49 -21.72 3.33 -1.44
N PHE A 50 -22.60 2.57 -0.80
CA PHE A 50 -23.46 1.63 -1.51
C PHE A 50 -24.37 2.25 -2.56
N GLU A 51 -24.94 3.42 -2.27
CA GLU A 51 -25.82 4.07 -3.22
C GLU A 51 -25.07 4.43 -4.50
N LYS A 52 -23.86 4.98 -4.35
CA LYS A 52 -23.06 5.33 -5.52
C LYS A 52 -22.69 4.06 -6.26
N ALA A 53 -22.30 3.04 -5.51
CA ALA A 53 -21.92 1.76 -6.09
C ALA A 53 -23.07 1.21 -6.93
N ARG A 54 -24.29 1.32 -6.40
CA ARG A 54 -25.45 0.84 -7.11
C ARG A 54 -25.73 1.64 -8.37
N ARG A 55 -25.52 2.95 -8.30
CA ARG A 55 -25.73 3.81 -9.47
C ARG A 55 -24.70 3.51 -10.55
N GLU A 56 -23.43 3.49 -10.17
CA GLU A 56 -22.36 3.22 -11.13
C GLU A 56 -22.50 1.84 -11.74
N SER A 57 -22.94 0.87 -10.94
CA SER A 57 -23.12 -0.49 -11.41
C SER A 57 -24.02 -0.58 -12.64
N GLU A 58 -25.08 0.23 -12.64
CA GLU A 58 -26.02 0.23 -13.75
C GLU A 58 -25.40 0.80 -15.01
N LEU A 59 -24.55 1.81 -14.85
CA LEU A 59 -23.91 2.46 -15.98
C LEU A 59 -22.54 1.86 -16.35
N ALA A 60 -21.91 1.22 -15.38
CA ALA A 60 -20.59 0.61 -15.57
C ALA A 60 -20.42 -0.13 -16.89
N SER A 61 -19.24 0.01 -17.48
CA SER A 61 -18.90 -0.64 -18.74
C SER A 61 -17.38 -0.78 -18.85
N GLY A 62 -16.92 -1.91 -19.36
CA GLY A 62 -15.49 -2.13 -19.50
C GLY A 62 -15.08 -3.55 -19.12
N PRO A 63 -13.76 -3.83 -19.13
CA PRO A 63 -13.22 -5.16 -18.79
C PRO A 63 -13.54 -5.63 -17.36
N PHE A 64 -13.96 -4.70 -16.52
CA PHE A 64 -14.30 -5.01 -15.13
C PHE A 64 -15.66 -4.42 -14.74
N ALA A 65 -16.54 -4.26 -15.72
CA ALA A 65 -17.86 -3.70 -15.46
C ALA A 65 -18.59 -4.46 -14.36
N GLY A 66 -19.03 -3.73 -13.33
CA GLY A 66 -19.75 -4.35 -12.23
C GLY A 66 -18.92 -4.79 -11.03
N VAL A 67 -17.61 -4.90 -11.20
CA VAL A 67 -16.74 -5.32 -10.10
C VAL A 67 -16.48 -4.21 -9.10
N PRO A 68 -16.78 -4.45 -7.81
CA PRO A 68 -16.57 -3.47 -6.74
C PRO A 68 -15.11 -3.29 -6.34
N TYR A 69 -14.78 -2.12 -5.82
CA TYR A 69 -13.42 -1.84 -5.36
C TYR A 69 -13.50 -0.83 -4.23
N LEU A 70 -12.47 -0.80 -3.39
CA LEU A 70 -12.44 0.11 -2.26
C LEU A 70 -11.31 1.14 -2.40
N LEU A 71 -11.58 2.35 -1.92
CA LEU A 71 -10.64 3.46 -2.00
C LEU A 71 -10.20 3.93 -0.61
N LYS A 72 -8.90 4.13 -0.43
CA LYS A 72 -8.38 4.60 0.86
C LYS A 72 -8.81 6.05 1.04
N ASP A 73 -9.15 6.44 2.28
CA ASP A 73 -9.57 7.82 2.52
C ASP A 73 -8.37 8.73 2.76
N LEU A 74 -7.49 8.80 1.77
CA LEU A 74 -6.29 9.62 1.85
C LEU A 74 -5.72 9.89 0.45
N THR A 75 -5.29 11.13 0.23
CA THR A 75 -4.69 11.55 -1.05
C THR A 75 -5.73 11.63 -2.17
N VAL A 76 -6.19 10.48 -2.66
CA VAL A 76 -7.18 10.48 -3.72
C VAL A 76 -8.54 10.71 -3.09
N VAL A 77 -9.43 11.37 -3.82
CA VAL A 77 -10.77 11.67 -3.30
C VAL A 77 -11.84 11.36 -4.34
N SER A 78 -13.07 11.21 -3.87
CA SER A 78 -14.20 10.93 -4.76
C SER A 78 -15.21 12.07 -4.65
N GLN A 79 -15.72 12.52 -5.79
CA GLN A 79 -16.66 13.63 -5.84
C GLN A 79 -17.89 13.52 -4.93
N GLY A 80 -18.07 14.53 -4.08
CA GLY A 80 -19.21 14.58 -3.18
C GLY A 80 -19.22 13.64 -1.99
N ASP A 81 -18.12 12.94 -1.75
CA ASP A 81 -18.06 12.03 -0.62
C ASP A 81 -17.21 12.53 0.53
N ILE A 82 -17.49 12.01 1.72
CA ILE A 82 -16.78 12.39 2.93
C ILE A 82 -15.27 12.14 2.75
N ASN A 83 -14.47 13.09 3.23
CA ASN A 83 -13.02 13.00 3.15
C ASN A 83 -12.46 13.45 4.49
N THR A 84 -11.97 12.51 5.29
CA THR A 84 -11.46 12.83 6.61
C THR A 84 -9.94 12.71 6.77
N SER A 85 -9.34 11.79 6.01
CA SER A 85 -7.90 11.55 6.12
C SER A 85 -7.63 11.16 7.57
N SER A 86 -8.67 10.65 8.22
CA SER A 86 -8.62 10.24 9.62
C SER A 86 -8.16 11.34 10.57
N ILE A 87 -8.50 12.58 10.24
CA ILE A 87 -8.18 13.72 11.08
C ILE A 87 -9.47 13.99 11.86
N LYS A 88 -9.39 13.97 13.19
CA LYS A 88 -10.58 14.19 14.01
C LYS A 88 -11.35 15.44 13.60
N GLY A 89 -10.66 16.58 13.58
CA GLY A 89 -11.28 17.83 13.20
C GLY A 89 -11.94 17.80 11.83
N MET A 90 -11.43 16.97 10.93
CA MET A 90 -12.00 16.88 9.59
C MET A 90 -13.23 15.99 9.56
N LYS A 91 -13.22 14.94 10.39
CA LYS A 91 -14.36 14.02 10.46
C LYS A 91 -15.58 14.76 11.01
N GLU A 92 -15.34 15.62 12.00
CA GLU A 92 -16.41 16.37 12.63
C GLU A 92 -16.99 17.46 11.71
N SER A 93 -16.16 17.97 10.81
CA SER A 93 -16.59 19.03 9.89
C SER A 93 -17.53 18.51 8.81
N GLY A 94 -17.51 17.21 8.57
CA GLY A 94 -18.36 16.63 7.55
C GLY A 94 -17.94 17.01 6.15
N TYR A 95 -16.70 17.48 6.01
CA TYR A 95 -16.18 17.89 4.70
C TYR A 95 -16.36 16.82 3.64
N ARG A 96 -16.63 17.25 2.41
CA ARG A 96 -16.80 16.34 1.29
C ARG A 96 -16.00 16.85 0.10
N ALA A 97 -15.27 15.96 -0.56
CA ALA A 97 -14.45 16.34 -1.71
C ALA A 97 -15.35 16.88 -2.82
N ASP A 98 -14.80 17.77 -3.64
CA ASP A 98 -15.56 18.37 -4.73
C ASP A 98 -15.28 17.78 -6.10
N HIS A 99 -14.38 16.80 -6.18
CA HIS A 99 -14.04 16.20 -7.47
C HIS A 99 -13.53 14.77 -7.34
N ASP A 100 -13.29 14.16 -8.51
CA ASP A 100 -12.76 12.79 -8.58
C ASP A 100 -11.29 12.89 -8.91
N ALA A 101 -10.46 12.12 -8.21
CA ALA A 101 -9.03 12.11 -8.51
C ALA A 101 -8.92 11.33 -9.82
N TYR A 102 -7.84 11.51 -10.56
CA TYR A 102 -7.66 10.79 -11.82
C TYR A 102 -7.80 9.28 -11.61
N PHE A 103 -7.30 8.79 -10.48
CA PHE A 103 -7.36 7.36 -10.17
C PHE A 103 -8.81 6.88 -10.18
N VAL A 104 -9.67 7.62 -9.48
CA VAL A 104 -11.08 7.30 -9.39
C VAL A 104 -11.74 7.29 -10.77
N GLN A 105 -11.45 8.29 -11.58
CA GLN A 105 -12.03 8.37 -12.92
C GLN A 105 -11.63 7.17 -13.76
N ARG A 106 -10.34 6.82 -13.73
CA ARG A 106 -9.85 5.67 -14.49
C ARG A 106 -10.55 4.36 -14.10
N MET A 107 -10.71 4.14 -12.80
CA MET A 107 -11.36 2.92 -12.33
C MET A 107 -12.83 2.85 -12.79
N ARG A 108 -13.53 3.97 -12.71
CA ARG A 108 -14.93 4.02 -13.11
C ARG A 108 -15.07 3.75 -14.61
N ALA A 109 -14.17 4.32 -15.40
CA ALA A 109 -14.19 4.13 -16.84
C ALA A 109 -13.92 2.68 -17.20
N ALA A 110 -13.20 1.99 -16.32
CA ALA A 110 -12.86 0.58 -16.55
C ALA A 110 -14.00 -0.37 -16.19
N GLY A 111 -15.02 0.15 -15.52
CA GLY A 111 -16.15 -0.69 -15.16
C GLY A 111 -16.30 -0.96 -13.67
N PHE A 112 -15.27 -0.63 -12.90
CA PHE A 112 -15.30 -0.83 -11.46
C PHE A 112 -16.34 0.07 -10.79
N VAL A 113 -16.90 -0.39 -9.68
CA VAL A 113 -17.88 0.41 -8.96
C VAL A 113 -17.32 0.74 -7.57
N LEU A 114 -17.32 2.03 -7.23
CA LEU A 114 -16.80 2.47 -5.94
C LEU A 114 -17.75 2.05 -4.82
N LEU A 115 -17.29 1.10 -4.00
CA LEU A 115 -18.09 0.57 -2.89
C LEU A 115 -17.95 1.34 -1.58
N GLY A 116 -16.81 1.99 -1.39
CA GLY A 116 -16.61 2.74 -0.16
C GLY A 116 -15.17 3.12 0.08
N LYS A 117 -14.90 3.71 1.24
CA LYS A 117 -13.55 4.12 1.60
C LYS A 117 -13.03 3.35 2.81
N THR A 118 -11.73 3.06 2.79
CA THR A 118 -11.11 2.29 3.88
C THR A 118 -10.33 3.12 4.89
N ASN A 119 -10.22 2.57 6.09
CA ASN A 119 -9.55 3.22 7.21
C ASN A 119 -8.04 3.37 7.04
N THR A 120 -7.49 4.36 7.73
CA THR A 120 -6.06 4.66 7.69
C THR A 120 -5.70 5.45 8.93
N PRO A 121 -4.42 5.39 9.36
CA PRO A 121 -4.07 6.17 10.55
C PRO A 121 -4.17 7.62 10.10
N GLU A 122 -4.16 8.57 11.03
CA GLU A 122 -4.27 9.98 10.67
C GLU A 122 -3.21 10.42 9.65
N MET A 123 -3.68 10.94 8.52
CA MET A 123 -2.82 11.41 7.45
C MET A 123 -1.78 10.36 7.05
N GLY A 124 -2.15 9.08 7.23
CA GLY A 124 -1.27 7.97 6.87
C GLY A 124 0.06 7.99 7.59
N ASN A 125 0.08 8.53 8.81
CA ASN A 125 1.32 8.68 9.57
C ASN A 125 1.73 7.54 10.51
N GLN A 126 1.26 6.33 10.26
CA GLN A 126 1.61 5.19 11.12
C GLN A 126 1.65 3.89 10.31
N VAL A 127 2.34 2.88 10.83
CA VAL A 127 2.41 1.59 10.16
C VAL A 127 1.40 0.62 10.76
N THR A 128 0.41 1.18 11.44
CA THR A 128 -0.69 0.40 11.99
C THR A 128 -1.89 1.27 11.69
N THR A 129 -3.09 0.70 11.67
CA THR A 129 -4.29 1.47 11.37
C THR A 129 -5.21 1.52 12.58
N GLU A 130 -4.91 2.44 13.49
CA GLU A 130 -5.66 2.61 14.73
C GLU A 130 -5.88 4.10 15.03
N PRO A 131 -6.48 4.84 14.09
CA PRO A 131 -6.73 6.27 14.26
C PRO A 131 -7.73 6.55 15.39
N GLU A 132 -7.57 7.69 16.05
CA GLU A 132 -8.48 8.08 17.12
C GLU A 132 -9.85 8.40 16.53
N ALA A 133 -9.85 8.92 15.30
CA ALA A 133 -11.08 9.31 14.61
C ALA A 133 -12.03 8.18 14.22
N TRP A 134 -11.50 7.07 13.71
CA TRP A 134 -12.38 5.97 13.31
C TRP A 134 -12.20 4.68 14.11
N GLY A 135 -11.23 4.65 15.01
CA GLY A 135 -11.01 3.45 15.78
C GLY A 135 -10.08 2.52 15.02
N ALA A 136 -9.64 1.47 15.68
CA ALA A 136 -8.71 0.53 15.06
C ALA A 136 -9.34 -0.42 14.04
N THR A 137 -8.55 -0.78 13.04
CA THR A 137 -8.99 -1.74 12.04
C THR A 137 -8.33 -3.02 12.52
N ARG A 138 -9.08 -4.11 12.56
CA ARG A 138 -8.55 -5.37 13.07
C ARG A 138 -8.28 -6.39 11.98
N ASN A 139 -7.31 -7.26 12.23
CA ASN A 139 -6.90 -8.27 11.27
C ASN A 139 -7.86 -9.45 11.12
N PRO A 140 -8.35 -9.69 9.91
CA PRO A 140 -9.29 -10.80 9.63
C PRO A 140 -8.72 -12.16 10.04
N TRP A 141 -7.39 -12.26 10.07
CA TRP A 141 -6.72 -13.50 10.45
C TRP A 141 -6.65 -13.68 11.96
N ASN A 142 -6.73 -12.58 12.69
CA ASN A 142 -6.67 -12.58 14.15
C ASN A 142 -7.11 -11.19 14.61
N LEU A 143 -8.36 -11.08 15.04
CA LEU A 143 -8.93 -9.80 15.46
C LEU A 143 -8.16 -9.02 16.53
N GLY A 144 -7.26 -9.69 17.23
CA GLY A 144 -6.50 -9.01 18.26
C GLY A 144 -5.22 -8.40 17.69
N ARG A 145 -4.98 -8.62 16.41
CA ARG A 145 -3.76 -8.12 15.76
C ARG A 145 -3.96 -6.95 14.82
N SER A 146 -2.89 -6.19 14.63
CA SER A 146 -2.88 -5.03 13.74
C SER A 146 -3.00 -5.51 12.28
N VAL A 147 -3.36 -4.60 11.40
CA VAL A 147 -3.48 -4.92 9.98
C VAL A 147 -2.35 -4.20 9.23
N GLY A 148 -1.43 -3.62 9.99
CA GLY A 148 -0.34 -2.87 9.39
C GLY A 148 -0.90 -1.52 8.99
N GLY A 149 -0.13 -0.75 8.24
CA GLY A 149 -0.59 0.57 7.83
C GLY A 149 0.40 1.17 6.85
N SER A 150 0.09 2.34 6.30
CA SER A 150 -1.14 3.07 6.62
C SER A 150 -2.38 2.62 5.86
N SER A 151 -2.21 1.86 4.77
CA SER A 151 -3.37 1.41 4.00
C SER A 151 -3.93 0.12 4.61
N GLY A 152 -4.03 0.09 5.94
CA GLY A 152 -4.54 -1.10 6.63
C GLY A 152 -5.97 -1.45 6.31
N GLY A 153 -6.82 -0.43 6.11
CA GLY A 153 -8.21 -0.69 5.79
C GLY A 153 -8.38 -1.43 4.48
N SER A 154 -7.64 -1.00 3.46
CA SER A 154 -7.74 -1.65 2.16
C SER A 154 -7.16 -3.05 2.20
N GLY A 155 -6.06 -3.22 2.93
CA GLY A 155 -5.43 -4.52 3.03
C GLY A 155 -6.38 -5.54 3.68
N ALA A 156 -6.98 -5.15 4.80
CA ALA A 156 -7.91 -6.02 5.51
C ALA A 156 -9.17 -6.28 4.69
N ALA A 157 -9.66 -5.24 4.03
CA ALA A 157 -10.86 -5.37 3.22
C ALA A 157 -10.71 -6.44 2.15
N VAL A 158 -9.59 -6.40 1.42
CA VAL A 158 -9.34 -7.37 0.38
C VAL A 158 -9.14 -8.77 0.97
N ALA A 159 -8.47 -8.83 2.13
CA ALA A 159 -8.23 -10.10 2.80
C ALA A 159 -9.54 -10.74 3.26
N ALA A 160 -10.53 -9.91 3.56
CA ALA A 160 -11.84 -10.38 4.01
C ALA A 160 -12.86 -10.44 2.90
N ALA A 161 -12.40 -10.27 1.66
CA ALA A 161 -13.25 -10.30 0.48
C ALA A 161 -14.35 -9.23 0.45
N LEU A 162 -14.08 -8.08 1.04
CA LEU A 162 -15.05 -7.00 1.02
C LEU A 162 -15.03 -6.39 -0.39
N SER A 163 -13.98 -6.73 -1.12
CA SER A 163 -13.76 -6.32 -2.51
C SER A 163 -12.56 -7.11 -3.01
N PRO A 164 -12.54 -7.44 -4.31
CA PRO A 164 -11.40 -8.19 -4.85
C PRO A 164 -10.13 -7.36 -5.00
N VAL A 165 -10.30 -6.05 -5.15
CA VAL A 165 -9.16 -5.16 -5.30
C VAL A 165 -9.41 -3.84 -4.57
N ALA A 166 -8.33 -3.15 -4.23
CA ALA A 166 -8.44 -1.88 -3.53
C ALA A 166 -7.25 -0.97 -3.77
N HIS A 167 -7.48 0.32 -3.54
CA HIS A 167 -6.45 1.33 -3.69
C HIS A 167 -5.80 1.61 -2.34
N GLY A 168 -4.60 2.17 -2.39
CA GLY A 168 -3.87 2.55 -1.19
C GLY A 168 -2.68 3.35 -1.64
N ASN A 169 -1.92 3.90 -0.70
CA ASN A 169 -0.71 4.63 -1.07
C ASN A 169 0.42 4.14 -0.18
N ASP A 170 1.64 4.38 -0.63
CA ASP A 170 2.80 3.85 0.03
C ASP A 170 3.93 4.87 0.07
N ALA A 171 4.29 5.34 1.28
CA ALA A 171 5.36 6.32 1.44
C ALA A 171 6.57 5.74 2.17
N ALA A 172 6.33 4.71 2.97
CA ALA A 172 7.39 4.04 3.70
C ALA A 172 7.09 2.54 3.70
N GLY A 173 6.11 2.15 2.89
CA GLY A 173 5.70 0.77 2.77
C GLY A 173 4.21 0.62 3.05
N SER A 174 3.48 1.73 3.05
CA SER A 174 2.05 1.71 3.37
C SER A 174 1.08 0.84 2.57
N VAL A 175 1.55 0.26 1.47
CA VAL A 175 0.69 -0.68 0.74
C VAL A 175 1.26 -2.08 0.98
N ARG A 176 2.57 -2.21 0.81
CA ARG A 176 3.23 -3.49 0.99
C ARG A 176 3.13 -4.02 2.42
N ILE A 177 3.20 -3.15 3.41
CA ILE A 177 3.11 -3.57 4.80
C ILE A 177 1.74 -4.20 5.12
N PRO A 178 0.63 -3.49 4.84
CA PRO A 178 -0.69 -4.07 5.13
C PRO A 178 -0.94 -5.34 4.30
N ALA A 179 -0.36 -5.38 3.09
CA ALA A 179 -0.51 -6.55 2.23
C ALA A 179 0.16 -7.74 2.91
N SER A 180 1.38 -7.52 3.39
CA SER A 180 2.14 -8.57 4.08
C SER A 180 1.39 -9.04 5.33
N VAL A 181 0.95 -8.09 6.12
CA VAL A 181 0.25 -8.38 7.38
C VAL A 181 -1.14 -9.02 7.18
N CYS A 182 -1.81 -8.67 6.10
CA CYS A 182 -3.14 -9.22 5.83
C CYS A 182 -3.20 -10.35 4.81
N GLY A 183 -2.04 -10.81 4.34
CA GLY A 183 -2.02 -11.92 3.40
C GLY A 183 -2.60 -11.69 2.02
N VAL A 184 -2.36 -10.51 1.46
CA VAL A 184 -2.84 -10.21 0.12
C VAL A 184 -1.66 -9.66 -0.67
N VAL A 185 -1.87 -9.44 -1.96
CA VAL A 185 -0.83 -8.91 -2.83
C VAL A 185 -0.87 -7.39 -2.77
N GLY A 186 0.29 -6.77 -2.53
CA GLY A 186 0.35 -5.32 -2.47
C GLY A 186 1.51 -4.78 -3.30
N LEU A 187 1.20 -3.95 -4.29
CA LEU A 187 2.24 -3.40 -5.15
C LEU A 187 2.46 -1.90 -5.02
N LYS A 188 3.72 -1.52 -4.85
CA LYS A 188 4.10 -0.11 -4.85
C LYS A 188 4.81 -0.06 -6.21
N PRO A 189 4.16 0.51 -7.23
CA PRO A 189 4.81 0.57 -8.54
C PRO A 189 5.98 1.54 -8.60
N THR A 190 6.56 1.66 -9.79
CA THR A 190 7.67 2.56 -10.00
C THR A 190 7.16 3.98 -9.73
N ARG A 191 8.01 4.83 -9.16
CA ARG A 191 7.61 6.21 -8.89
C ARG A 191 7.15 6.84 -10.20
N GLY A 192 5.99 7.50 -10.17
CA GLY A 192 5.48 8.15 -11.38
C GLY A 192 4.62 7.28 -12.28
N ARG A 193 4.34 6.05 -11.86
CA ARG A 193 3.51 5.13 -12.64
C ARG A 193 2.02 5.47 -12.54
N ILE A 194 1.56 5.70 -11.32
CA ILE A 194 0.15 6.01 -11.08
C ILE A 194 -0.02 7.45 -10.61
N SER A 195 -0.87 8.21 -11.31
CA SER A 195 -1.07 9.60 -10.92
C SER A 195 -1.92 9.74 -9.66
N PRO A 196 -1.49 10.62 -8.73
CA PRO A 196 -2.18 10.90 -7.48
C PRO A 196 -2.97 12.20 -7.65
N GLY A 197 -2.91 12.76 -8.86
CA GLY A 197 -3.58 14.02 -9.14
C GLY A 197 -5.08 13.96 -9.40
N PRO A 198 -5.69 15.10 -9.81
CA PRO A 198 -5.04 16.40 -10.05
C PRO A 198 -4.49 17.14 -8.83
N LEU A 199 -4.96 16.79 -7.64
CA LEU A 199 -4.47 17.46 -6.44
C LEU A 199 -2.97 17.30 -6.26
N VAL A 200 -2.37 18.24 -5.56
CA VAL A 200 -0.95 18.21 -5.23
C VAL A 200 -0.92 18.19 -3.71
N THR A 201 -0.66 17.02 -3.13
CA THR A 201 -0.66 16.89 -1.68
C THR A 201 0.63 16.36 -1.10
N ASP A 202 0.76 16.49 0.23
CA ASP A 202 1.91 15.98 0.96
C ASP A 202 3.26 16.54 0.52
N SER A 203 3.27 17.79 0.05
CA SER A 203 4.50 18.44 -0.40
C SER A 203 5.16 17.61 -1.50
N ASP A 204 4.54 17.66 -2.69
CA ASP A 204 5.00 16.93 -3.85
C ASP A 204 5.08 15.42 -3.53
N ASN A 205 4.04 14.94 -2.86
CA ASN A 205 3.93 13.54 -2.46
C ASN A 205 5.18 13.09 -1.71
N VAL A 206 5.51 13.85 -0.68
CA VAL A 206 6.68 13.61 0.16
C VAL A 206 7.95 13.52 -0.70
N ALA A 207 8.12 14.51 -1.56
CA ALA A 207 9.27 14.60 -2.46
C ALA A 207 9.40 13.37 -3.33
N GLY A 208 8.27 12.78 -3.69
CA GLY A 208 8.28 11.60 -4.54
C GLY A 208 8.28 10.27 -3.81
N ALA A 209 8.47 10.28 -2.50
CA ALA A 209 8.49 9.03 -1.74
C ALA A 209 7.12 8.38 -1.62
N ALA A 210 6.06 9.20 -1.66
CA ALA A 210 4.70 8.67 -1.56
C ALA A 210 4.19 8.23 -2.94
N HIS A 211 3.86 6.94 -3.05
CA HIS A 211 3.37 6.35 -4.30
C HIS A 211 1.95 5.81 -4.13
N GLU A 212 1.12 5.92 -5.15
CA GLU A 212 -0.21 5.33 -5.08
C GLU A 212 0.07 3.87 -5.41
N GLY A 213 -0.66 2.95 -4.80
CA GLY A 213 -0.44 1.54 -5.04
C GLY A 213 -1.70 0.70 -5.16
N LEU A 214 -1.52 -0.60 -5.29
CA LEU A 214 -2.64 -1.52 -5.51
C LEU A 214 -2.66 -2.78 -4.66
N PHE A 215 -3.87 -3.21 -4.33
CA PHE A 215 -4.14 -4.42 -3.54
C PHE A 215 -5.00 -5.38 -4.36
N ALA A 216 -4.72 -6.67 -4.23
CA ALA A 216 -5.48 -7.72 -4.91
C ALA A 216 -5.06 -9.07 -4.33
N ARG A 217 -5.69 -10.15 -4.77
CA ARG A 217 -5.33 -11.48 -4.30
C ARG A 217 -4.69 -12.32 -5.39
N SER A 218 -4.51 -11.73 -6.57
CA SER A 218 -3.89 -12.44 -7.69
C SER A 218 -2.94 -11.50 -8.43
N VAL A 219 -1.89 -12.05 -9.02
CA VAL A 219 -0.93 -11.25 -9.74
C VAL A 219 -1.58 -10.68 -11.01
N ARG A 220 -2.48 -11.43 -11.62
CA ARG A 220 -3.13 -10.95 -12.85
C ARG A 220 -4.01 -9.73 -12.58
N ASP A 221 -4.63 -9.68 -11.40
CA ASP A 221 -5.46 -8.53 -11.04
C ASP A 221 -4.61 -7.27 -10.96
N ILE A 222 -3.39 -7.40 -10.42
CA ILE A 222 -2.48 -6.26 -10.29
C ILE A 222 -2.09 -5.78 -11.69
N ALA A 223 -1.74 -6.71 -12.56
CA ALA A 223 -1.36 -6.38 -13.92
C ALA A 223 -2.48 -5.58 -14.60
N ALA A 224 -3.71 -6.07 -14.46
CA ALA A 224 -4.86 -5.41 -15.07
C ALA A 224 -5.12 -4.03 -14.46
N LEU A 225 -4.93 -3.91 -13.15
CA LEU A 225 -5.13 -2.63 -12.48
C LEU A 225 -4.13 -1.60 -12.99
N LEU A 226 -2.88 -2.00 -13.16
CA LEU A 226 -1.86 -1.09 -13.66
C LEU A 226 -2.27 -0.54 -15.03
N ASP A 227 -2.79 -1.42 -15.89
CA ASP A 227 -3.21 -1.01 -17.21
C ASP A 227 -4.33 0.02 -17.15
N VAL A 228 -5.06 0.02 -16.04
CA VAL A 228 -6.18 0.95 -15.87
C VAL A 228 -5.81 2.33 -15.33
N VAL A 229 -4.97 2.37 -14.30
CA VAL A 229 -4.64 3.63 -13.65
C VAL A 229 -3.27 4.24 -13.92
N SER A 230 -2.47 3.63 -14.78
CA SER A 230 -1.14 4.14 -15.08
C SER A 230 -1.10 5.20 -16.19
N GLY A 231 0.02 5.91 -16.28
CA GLY A 231 0.17 6.93 -17.31
C GLY A 231 0.34 8.33 -16.77
N HIS A 232 1.05 9.17 -17.52
CA HIS A 232 1.28 10.55 -17.14
C HIS A 232 0.02 11.40 -17.29
N ARG A 233 -0.31 12.16 -16.25
CA ARG A 233 -1.47 13.04 -16.30
C ARG A 233 -0.92 14.45 -16.08
N PRO A 234 -1.68 15.47 -16.50
CA PRO A 234 -1.25 16.86 -16.35
C PRO A 234 -0.80 17.26 -14.95
N GLY A 235 0.39 17.82 -14.85
CA GLY A 235 0.91 18.24 -13.57
C GLY A 235 1.69 17.18 -12.81
N ASP A 236 1.55 15.91 -13.19
CA ASP A 236 2.29 14.85 -12.50
C ASP A 236 3.77 15.19 -12.48
N THR A 237 4.35 15.19 -11.29
CA THR A 237 5.76 15.51 -11.11
C THR A 237 6.69 14.45 -11.66
N PHE A 238 6.43 13.20 -11.27
CA PHE A 238 7.27 12.09 -11.68
C PHE A 238 6.64 11.29 -12.79
N CYS A 239 7.46 10.50 -13.47
CA CYS A 239 6.97 9.67 -14.56
C CYS A 239 7.82 8.41 -14.59
N ALA A 240 7.25 7.32 -15.10
CA ALA A 240 7.97 6.06 -15.16
C ALA A 240 8.17 5.65 -16.62
N PRO A 241 9.19 4.81 -16.88
CA PRO A 241 9.48 4.34 -18.24
C PRO A 241 8.24 3.61 -18.78
N THR A 242 7.98 3.75 -20.07
CA THR A 242 6.82 3.13 -20.69
C THR A 242 7.05 1.68 -21.08
N ALA A 243 6.06 0.84 -20.79
CA ALA A 243 6.15 -0.58 -21.13
C ALA A 243 5.76 -0.72 -22.60
N SER A 244 6.24 -1.77 -23.25
CA SER A 244 5.96 -2.00 -24.66
C SER A 244 4.56 -2.54 -24.92
N ARG A 245 4.01 -3.28 -23.95
CA ARG A 245 2.68 -3.84 -24.09
C ARG A 245 1.94 -3.79 -22.75
N PRO A 246 0.61 -3.98 -22.77
CA PRO A 246 -0.15 -3.95 -21.52
C PRO A 246 0.33 -5.03 -20.57
N TYR A 247 0.35 -4.71 -19.28
CA TYR A 247 0.81 -5.66 -18.27
C TYR A 247 -0.03 -6.93 -18.22
N ALA A 248 -1.33 -6.80 -18.49
CA ALA A 248 -2.19 -7.96 -18.47
C ALA A 248 -1.70 -8.97 -19.50
N GLN A 249 -1.00 -8.47 -20.51
CA GLN A 249 -0.44 -9.31 -21.58
C GLN A 249 0.96 -9.84 -21.28
N GLY A 250 1.85 -8.95 -20.85
CA GLY A 250 3.22 -9.35 -20.58
C GLY A 250 3.43 -10.28 -19.40
N ILE A 251 2.46 -10.33 -18.51
CA ILE A 251 2.56 -11.17 -17.32
C ILE A 251 2.85 -12.64 -17.58
N SER A 252 2.47 -13.13 -18.77
CA SER A 252 2.70 -14.53 -19.10
C SER A 252 4.00 -14.78 -19.87
N GLU A 253 4.74 -13.73 -20.18
CA GLU A 253 5.99 -13.88 -20.91
C GLU A 253 7.05 -14.50 -20.01
N ASN A 254 7.93 -15.30 -20.58
CA ASN A 254 8.99 -15.94 -19.81
C ASN A 254 10.20 -15.02 -19.80
N PRO A 255 10.53 -14.47 -18.62
CA PRO A 255 11.67 -13.56 -18.45
C PRO A 255 13.02 -14.26 -18.61
N GLY A 256 12.99 -15.58 -18.54
CA GLY A 256 14.22 -16.34 -18.65
C GLY A 256 14.89 -16.39 -17.29
N SER A 257 16.14 -16.84 -17.25
CA SER A 257 16.88 -16.93 -16.00
C SER A 257 17.41 -15.55 -15.61
N LEU A 258 16.99 -15.06 -14.45
CA LEU A 258 17.42 -13.74 -13.97
C LEU A 258 18.44 -13.85 -12.84
N ARG A 259 19.22 -12.79 -12.66
CA ARG A 259 20.19 -12.75 -11.58
C ARG A 259 19.39 -12.27 -10.37
N VAL A 260 19.19 -13.17 -9.41
CA VAL A 260 18.41 -12.88 -8.22
C VAL A 260 19.24 -12.87 -6.95
N GLY A 261 19.06 -11.82 -6.15
CA GLY A 261 19.77 -11.72 -4.89
C GLY A 261 18.78 -11.91 -3.75
N VAL A 262 19.18 -12.66 -2.73
CA VAL A 262 18.32 -12.94 -1.59
C VAL A 262 18.88 -12.32 -0.32
N LEU A 263 18.02 -11.64 0.44
CA LEU A 263 18.44 -11.04 1.69
C LEU A 263 17.64 -11.68 2.83
N THR A 264 18.34 -12.36 3.73
CA THR A 264 17.66 -13.01 4.84
C THR A 264 18.19 -12.65 6.23
N HIS A 265 18.68 -11.42 6.35
CA HIS A 265 19.16 -10.89 7.63
C HIS A 265 19.01 -9.38 7.53
N ASN A 266 19.12 -8.67 8.66
CA ASN A 266 19.01 -7.22 8.64
C ASN A 266 20.42 -6.64 8.42
N PRO A 267 20.69 -6.15 7.20
CA PRO A 267 22.00 -5.58 6.86
C PRO A 267 22.43 -4.39 7.68
N VAL A 268 21.47 -3.72 8.32
CA VAL A 268 21.80 -2.55 9.14
C VAL A 268 22.38 -3.01 10.48
N GLY A 269 21.94 -4.19 10.92
CA GLY A 269 22.44 -4.76 12.17
C GLY A 269 21.93 -4.15 13.46
N ASP A 270 20.85 -3.36 13.39
CA ASP A 270 20.32 -2.72 14.57
C ASP A 270 19.13 -3.46 15.22
N PHE A 271 18.84 -4.64 14.68
CA PHE A 271 17.79 -5.52 15.21
C PHE A 271 17.84 -6.82 14.42
N ALA A 272 17.41 -7.91 15.06
CA ALA A 272 17.45 -9.21 14.39
C ALA A 272 16.20 -9.45 13.55
N LEU A 273 16.41 -9.86 12.31
CA LEU A 273 15.29 -10.14 11.43
C LEU A 273 14.57 -11.37 11.99
N ASP A 274 13.25 -11.28 12.12
CA ASP A 274 12.47 -12.40 12.64
C ASP A 274 12.79 -13.64 11.79
N PRO A 275 13.13 -14.76 12.45
CA PRO A 275 13.46 -16.00 11.74
C PRO A 275 12.40 -16.52 10.78
N GLU A 276 11.13 -16.38 11.16
CA GLU A 276 10.04 -16.85 10.31
C GLU A 276 9.89 -15.98 9.08
N CYS A 277 10.11 -14.67 9.23
CA CYS A 277 10.04 -13.77 8.08
C CYS A 277 11.18 -14.14 7.13
N ALA A 278 12.37 -14.35 7.68
CA ALA A 278 13.53 -14.70 6.87
C ALA A 278 13.32 -16.02 6.11
N ALA A 279 12.75 -17.01 6.81
CA ALA A 279 12.51 -18.32 6.22
C ALA A 279 11.51 -18.28 5.07
N ALA A 280 10.55 -17.36 5.12
CA ALA A 280 9.56 -17.25 4.07
C ALA A 280 10.25 -16.77 2.79
N ALA A 281 11.11 -15.77 2.94
CA ALA A 281 11.85 -15.23 1.80
C ALA A 281 12.80 -16.31 1.28
N ARG A 282 13.43 -17.04 2.20
CA ARG A 282 14.36 -18.10 1.81
C ARG A 282 13.63 -19.15 0.98
N GLY A 283 12.42 -19.51 1.43
CA GLY A 283 11.64 -20.51 0.71
C GLY A 283 11.30 -20.04 -0.68
N ALA A 284 10.96 -18.76 -0.82
CA ALA A 284 10.62 -18.19 -2.12
C ALA A 284 11.85 -18.20 -3.04
N ALA A 285 13.01 -17.89 -2.48
CA ALA A 285 14.25 -17.90 -3.25
C ALA A 285 14.52 -19.31 -3.77
N ALA A 286 14.28 -20.30 -2.91
CA ALA A 286 14.49 -21.70 -3.28
C ALA A 286 13.59 -22.07 -4.45
N ALA A 287 12.34 -21.62 -4.39
CA ALA A 287 11.39 -21.91 -5.47
C ALA A 287 11.88 -21.28 -6.78
N LEU A 288 12.43 -20.07 -6.69
CA LEU A 288 12.94 -19.40 -7.88
C LEU A 288 14.15 -20.15 -8.42
N ALA A 289 14.97 -20.69 -7.53
CA ALA A 289 16.15 -21.44 -7.94
C ALA A 289 15.68 -22.70 -8.70
N ALA A 290 14.65 -23.33 -8.16
CA ALA A 290 14.09 -24.53 -8.79
C ALA A 290 13.51 -24.18 -10.15
N LEU A 291 13.10 -22.93 -10.31
CA LEU A 291 12.52 -22.47 -11.57
C LEU A 291 13.58 -22.17 -12.63
N GLY A 292 14.84 -22.23 -12.23
CA GLY A 292 15.91 -21.97 -13.19
C GLY A 292 16.59 -20.62 -13.09
N HIS A 293 16.18 -19.80 -12.12
CA HIS A 293 16.81 -18.50 -11.95
C HIS A 293 18.16 -18.64 -11.27
N ASP A 294 19.04 -17.66 -11.49
CA ASP A 294 20.36 -17.67 -10.87
C ASP A 294 20.23 -16.98 -9.52
N VAL A 295 19.92 -17.76 -8.50
CA VAL A 295 19.71 -17.25 -7.15
C VAL A 295 20.96 -17.28 -6.27
N ASN A 296 21.25 -16.14 -5.63
CA ASN A 296 22.42 -16.02 -4.78
C ASN A 296 22.14 -15.14 -3.56
N ASP A 297 22.94 -15.32 -2.51
CA ASP A 297 22.77 -14.49 -1.32
C ASP A 297 23.51 -13.19 -1.61
N ALA A 298 22.76 -12.14 -1.92
CA ALA A 298 23.37 -10.86 -2.25
C ALA A 298 22.33 -9.76 -2.10
N TYR A 299 22.81 -8.54 -1.93
CA TYR A 299 21.91 -7.41 -1.77
C TYR A 299 22.64 -6.10 -1.97
N PRO A 300 21.90 -5.03 -2.29
CA PRO A 300 22.53 -3.72 -2.50
C PRO A 300 23.21 -3.31 -1.21
N GLU A 301 24.49 -2.97 -1.29
CA GLU A 301 25.26 -2.59 -0.11
C GLU A 301 24.62 -1.42 0.61
N ALA A 302 23.92 -0.57 -0.15
CA ALA A 302 23.26 0.60 0.42
C ALA A 302 22.21 0.25 1.48
N LEU A 303 21.68 -0.97 1.42
CA LEU A 303 20.68 -1.38 2.39
C LEU A 303 21.26 -1.51 3.79
N GLY A 304 22.59 -1.54 3.89
CA GLY A 304 23.23 -1.64 5.19
C GLY A 304 23.27 -0.30 5.91
N ASP A 305 22.77 0.74 5.24
CA ASP A 305 22.76 2.09 5.81
C ASP A 305 21.34 2.66 5.82
N ARG A 306 20.90 3.16 6.96
CA ARG A 306 19.57 3.73 7.04
C ARG A 306 19.62 5.16 7.56
N SER A 307 20.79 5.80 7.41
CA SER A 307 20.96 7.16 7.88
C SER A 307 20.02 8.12 7.14
N PHE A 308 19.61 7.73 5.94
CA PHE A 308 18.69 8.56 5.14
C PHE A 308 17.35 8.76 5.83
N LEU A 309 16.96 7.81 6.68
CA LEU A 309 15.67 7.91 7.34
C LEU A 309 15.54 9.18 8.17
N LYS A 310 16.66 9.70 8.68
CA LYS A 310 16.62 10.92 9.46
C LYS A 310 16.18 12.07 8.53
N ASP A 311 16.80 12.12 7.35
CA ASP A 311 16.49 13.14 6.36
C ASP A 311 15.04 13.00 5.92
N TYR A 312 14.61 11.77 5.70
CA TYR A 312 13.26 11.48 5.28
C TYR A 312 12.27 11.96 6.34
N SER A 313 12.63 11.77 7.61
CA SER A 313 11.77 12.18 8.72
C SER A 313 11.57 13.69 8.71
N THR A 314 12.63 14.44 8.44
CA THR A 314 12.54 15.89 8.39
C THR A 314 11.54 16.32 7.30
N ILE A 315 11.65 15.69 6.13
CA ILE A 315 10.74 15.99 5.03
C ILE A 315 9.31 15.67 5.46
N CYS A 316 9.13 14.55 6.14
CA CYS A 316 7.80 14.14 6.61
C CYS A 316 7.23 15.15 7.61
N ASP A 317 8.06 15.71 8.47
CA ASP A 317 7.58 16.70 9.44
C ASP A 317 6.92 17.85 8.70
N VAL A 318 7.62 18.38 7.70
CA VAL A 318 7.12 19.48 6.89
C VAL A 318 5.85 19.08 6.14
N ALA A 319 5.86 17.88 5.58
CA ALA A 319 4.72 17.38 4.83
C ALA A 319 3.44 17.32 5.67
N ILE A 320 3.55 16.77 6.88
CA ILE A 320 2.38 16.69 7.74
C ILE A 320 1.92 18.07 8.16
N ALA A 321 2.87 18.91 8.56
CA ALA A 321 2.57 20.27 8.98
C ALA A 321 1.76 20.99 7.91
N ARG A 322 2.23 20.93 6.66
CA ARG A 322 1.54 21.59 5.56
C ARG A 322 0.23 20.91 5.20
N GLU A 323 0.14 19.62 5.49
CA GLU A 323 -1.07 18.87 5.19
C GLU A 323 -2.15 19.31 6.19
N ILE A 324 -1.73 19.60 7.43
CA ILE A 324 -2.67 20.05 8.44
C ILE A 324 -3.20 21.42 8.00
N GLU A 325 -2.33 22.20 7.36
CA GLU A 325 -2.70 23.51 6.87
C GLU A 325 -3.68 23.39 5.69
N ARG A 326 -3.39 22.49 4.77
CA ARG A 326 -4.23 22.27 3.60
C ARG A 326 -5.64 21.83 3.99
N ASN A 327 -5.74 20.95 4.97
CA ASN A 327 -7.04 20.46 5.39
C ASN A 327 -7.82 21.58 6.10
N GLY A 328 -7.11 22.42 6.84
CA GLY A 328 -7.77 23.51 7.52
C GLY A 328 -8.41 24.43 6.50
N GLU A 329 -7.67 24.74 5.44
CA GLU A 329 -8.16 25.61 4.38
C GLU A 329 -9.40 25.02 3.73
N LEU A 330 -9.47 23.68 3.70
CA LEU A 330 -10.61 23.00 3.10
C LEU A 330 -11.92 23.30 3.82
N ILE A 331 -11.86 23.37 5.15
CA ILE A 331 -13.05 23.63 5.94
C ILE A 331 -13.21 25.10 6.31
N GLY A 332 -12.19 25.90 6.02
CA GLY A 332 -12.27 27.33 6.31
C GLY A 332 -11.79 27.79 7.66
N ARG A 333 -11.05 26.94 8.37
CA ARG A 333 -10.53 27.33 9.69
C ARG A 333 -9.24 26.60 9.98
N PRO A 334 -8.28 27.27 10.63
CA PRO A 334 -7.00 26.62 10.96
C PRO A 334 -7.24 25.47 11.93
N LEU A 335 -6.56 24.35 11.69
CA LEU A 335 -6.71 23.21 12.59
C LEU A 335 -5.82 23.46 13.79
N THR A 336 -6.24 22.96 14.95
CA THR A 336 -5.47 23.16 16.17
C THR A 336 -5.05 21.83 16.76
N GLU A 337 -4.27 21.90 17.84
CA GLU A 337 -3.80 20.72 18.54
C GLU A 337 -4.94 19.83 18.99
N ASP A 338 -6.16 20.36 18.93
CA ASP A 338 -7.35 19.61 19.35
C ASP A 338 -8.04 18.91 18.18
N ASP A 339 -7.57 19.16 16.97
CA ASP A 339 -8.18 18.56 15.78
C ASP A 339 -7.40 17.33 15.30
N VAL A 340 -6.14 17.23 15.70
CA VAL A 340 -5.29 16.12 15.28
C VAL A 340 -4.71 15.35 16.47
N GLU A 341 -4.10 14.20 16.17
CA GLU A 341 -3.46 13.37 17.20
C GLU A 341 -2.19 14.08 17.67
N TRP A 342 -1.76 13.82 18.90
CA TRP A 342 -0.58 14.48 19.42
C TRP A 342 0.67 14.29 18.57
N THR A 343 0.87 13.09 18.03
CA THR A 343 2.05 12.83 17.20
C THR A 343 2.07 13.76 15.98
N SER A 344 0.89 14.04 15.43
CA SER A 344 0.79 14.91 14.26
C SER A 344 1.12 16.37 14.62
N TRP A 345 0.62 16.84 15.75
CA TRP A 345 0.87 18.21 16.16
C TRP A 345 2.35 18.39 16.46
N GLU A 346 2.98 17.35 17.01
CA GLU A 346 4.40 17.38 17.33
C GLU A 346 5.20 17.76 16.08
N MET A 347 4.82 17.18 14.95
CA MET A 347 5.50 17.43 13.68
C MET A 347 5.33 18.88 13.22
N VAL A 348 4.24 19.50 13.64
CA VAL A 348 3.98 20.90 13.28
C VAL A 348 5.05 21.76 13.92
N LYS A 349 5.38 21.44 15.17
CA LYS A 349 6.40 22.17 15.92
C LYS A 349 7.76 21.95 15.27
N ARG A 350 8.09 20.69 14.99
CA ARG A 350 9.37 20.38 14.38
C ARG A 350 9.52 21.05 13.01
N ALA A 351 8.44 21.10 12.26
CA ALA A 351 8.46 21.71 10.93
C ALA A 351 8.91 23.16 10.98
N ASP A 352 8.53 23.87 12.05
CA ASP A 352 8.90 25.27 12.20
C ASP A 352 10.40 25.46 12.40
N GLN A 353 11.10 24.39 12.76
CA GLN A 353 12.54 24.47 12.97
C GLN A 353 13.33 24.14 11.70
N VAL A 354 12.63 23.74 10.65
CA VAL A 354 13.28 23.37 9.39
C VAL A 354 13.43 24.57 8.45
N THR A 355 14.65 24.80 7.98
CA THR A 355 14.91 25.91 7.07
C THR A 355 14.77 25.45 5.61
N GLY A 356 14.73 26.43 4.70
CA GLY A 356 14.62 26.12 3.30
C GLY A 356 15.82 25.31 2.83
N ARG A 357 17.01 25.74 3.21
CA ARG A 357 18.23 25.04 2.83
C ARG A 357 18.25 23.63 3.40
N ALA A 358 17.77 23.46 4.62
CA ALA A 358 17.73 22.15 5.27
C ALA A 358 16.81 21.19 4.52
N PHE A 359 15.63 21.67 4.15
CA PHE A 359 14.65 20.87 3.43
C PHE A 359 15.25 20.41 2.10
N ALA A 360 15.86 21.35 1.38
CA ALA A 360 16.48 21.04 0.09
C ALA A 360 17.59 20.01 0.27
N ALA A 361 18.35 20.13 1.35
CA ALA A 361 19.45 19.20 1.62
C ALA A 361 18.91 17.79 1.87
N CYS A 362 17.81 17.69 2.60
CA CYS A 362 17.22 16.39 2.90
C CYS A 362 16.75 15.69 1.62
N VAL A 363 16.15 16.44 0.71
CA VAL A 363 15.71 15.86 -0.55
C VAL A 363 16.92 15.34 -1.32
N ASP A 364 18.00 16.13 -1.35
CA ASP A 364 19.21 15.69 -2.04
C ASP A 364 19.73 14.39 -1.42
N GLU A 365 19.60 14.25 -0.10
CA GLU A 365 20.07 13.04 0.56
C GLU A 365 19.29 11.84 0.04
N LEU A 366 18.00 12.02 -0.19
CA LEU A 366 17.17 10.94 -0.70
C LEU A 366 17.62 10.57 -2.11
N ARG A 367 17.90 11.56 -2.94
CA ARG A 367 18.33 11.29 -4.30
C ARG A 367 19.66 10.53 -4.32
N TYR A 368 20.59 10.94 -3.47
CA TYR A 368 21.89 10.27 -3.41
C TYR A 368 21.73 8.82 -2.96
N TYR A 369 20.90 8.58 -1.96
CA TYR A 369 20.68 7.23 -1.46
C TYR A 369 20.03 6.40 -2.57
N ALA A 370 19.04 6.98 -3.25
CA ALA A 370 18.37 6.27 -4.34
C ALA A 370 19.41 5.79 -5.36
N GLY A 371 20.40 6.64 -5.63
CA GLY A 371 21.43 6.27 -6.57
C GLY A 371 22.25 5.08 -6.08
N LYS A 372 22.64 5.09 -4.80
CA LYS A 372 23.42 3.99 -4.25
C LYS A 372 22.66 2.67 -4.34
N VAL A 373 21.35 2.73 -4.08
CA VAL A 373 20.53 1.53 -4.14
C VAL A 373 20.41 0.99 -5.56
N GLU A 374 20.06 1.87 -6.50
CA GLU A 374 19.90 1.45 -7.90
C GLU A 374 21.15 0.92 -8.59
N ARG A 375 22.32 1.31 -8.10
CA ARG A 375 23.57 0.84 -8.71
C ARG A 375 23.71 -0.67 -8.66
N TRP A 376 23.04 -1.30 -7.70
CA TRP A 376 23.08 -2.76 -7.57
C TRP A 376 22.46 -3.41 -8.82
N TRP A 377 21.35 -2.85 -9.29
CA TRP A 377 20.67 -3.37 -10.47
C TRP A 377 21.50 -3.00 -11.71
N GLU A 378 22.12 -1.83 -11.65
CA GLU A 378 22.97 -1.35 -12.74
C GLU A 378 24.14 -2.33 -12.94
N ALA A 379 24.58 -2.94 -11.83
CA ALA A 379 25.70 -3.87 -11.88
C ALA A 379 25.34 -5.24 -12.46
N GLY A 380 24.09 -5.44 -12.84
CA GLY A 380 23.70 -6.72 -13.42
C GLY A 380 22.61 -7.50 -12.72
N TRP A 381 22.31 -7.15 -11.47
CA TRP A 381 21.27 -7.86 -10.74
C TRP A 381 19.90 -7.44 -11.26
N ASP A 382 18.98 -8.40 -11.35
CA ASP A 382 17.63 -8.14 -11.85
C ASP A 382 16.57 -7.99 -10.76
N LEU A 383 16.66 -8.83 -9.74
CA LEU A 383 15.66 -8.82 -8.67
C LEU A 383 16.25 -9.05 -7.29
N LEU A 384 15.64 -8.42 -6.30
CA LEU A 384 16.05 -8.60 -4.91
C LEU A 384 14.84 -9.24 -4.24
N ILE A 385 15.07 -10.31 -3.49
CA ILE A 385 14.00 -10.99 -2.78
C ILE A 385 14.33 -10.83 -1.30
N LEU A 386 13.36 -10.37 -0.52
CA LEU A 386 13.56 -10.18 0.90
C LEU A 386 12.20 -10.16 1.59
N PRO A 387 12.17 -10.33 2.92
CA PRO A 387 10.86 -10.30 3.59
C PRO A 387 10.26 -8.91 3.45
N THR A 388 8.93 -8.83 3.40
CA THR A 388 8.29 -7.52 3.30
C THR A 388 8.45 -6.81 4.64
N VAL A 389 8.20 -7.52 5.74
CA VAL A 389 8.37 -6.94 7.08
C VAL A 389 9.37 -7.77 7.87
N THR A 390 9.93 -7.19 8.92
CA THR A 390 10.97 -7.87 9.70
C THR A 390 10.60 -8.44 11.06
N ARG A 391 9.33 -8.32 11.44
CA ARG A 391 8.88 -8.82 12.75
C ARG A 391 7.50 -9.47 12.66
N GLN A 392 7.11 -10.14 13.75
CA GLN A 392 5.79 -10.76 13.84
C GLN A 392 4.81 -9.59 13.89
N THR A 393 3.56 -9.84 13.50
CA THR A 393 2.56 -8.78 13.49
C THR A 393 2.17 -8.36 14.90
N PRO A 394 2.24 -7.05 15.19
CA PRO A 394 1.91 -6.52 16.51
C PRO A 394 0.43 -6.61 16.88
N GLU A 395 0.17 -6.58 18.19
CA GLU A 395 -1.19 -6.63 18.68
C GLU A 395 -1.77 -5.23 18.60
N ILE A 396 -3.09 -5.13 18.49
CA ILE A 396 -3.74 -3.84 18.44
C ILE A 396 -3.29 -3.06 19.68
N GLY A 397 -3.04 -1.76 19.51
CA GLY A 397 -2.61 -0.93 20.61
C GLY A 397 -1.13 -0.94 20.91
N GLU A 398 -0.41 -1.91 20.35
CA GLU A 398 1.01 -2.02 20.59
C GLU A 398 1.83 -0.86 20.01
N LEU A 399 1.54 -0.47 18.77
CA LEU A 399 2.30 0.60 18.13
C LEU A 399 1.85 2.03 18.43
N MET A 400 0.67 2.19 19.03
CA MET A 400 0.18 3.54 19.36
C MET A 400 0.77 3.96 20.69
N LEU A 401 1.52 5.05 20.67
CA LEU A 401 2.17 5.58 21.87
C LEU A 401 1.31 6.57 22.65
N ALA A 402 1.54 6.63 23.96
CA ALA A 402 0.80 7.54 24.84
C ALA A 402 1.28 8.98 24.60
N LYS A 403 0.36 9.92 24.68
CA LYS A 403 0.67 11.34 24.47
C LYS A 403 1.87 11.83 25.26
N GLY A 404 2.38 11.00 26.17
CA GLY A 404 3.52 11.40 26.97
C GLY A 404 4.84 10.74 26.58
N THR A 405 4.85 10.03 25.46
CA THR A 405 6.06 9.35 25.01
C THR A 405 7.10 10.35 24.53
N ASP A 406 8.36 10.10 24.88
CA ASP A 406 9.45 10.99 24.51
C ASP A 406 10.09 10.60 23.19
N LEU A 407 9.41 10.92 22.09
CA LEU A 407 9.91 10.62 20.75
C LEU A 407 11.25 11.30 20.57
N GLU A 408 11.21 12.64 20.59
CA GLU A 408 12.40 13.47 20.45
C GLU A 408 13.00 13.56 19.04
N GLY A 409 12.47 14.50 18.26
CA GLY A 409 12.94 14.75 16.92
C GLY A 409 12.88 13.66 15.86
N ARG A 410 11.87 12.79 15.92
CA ARG A 410 11.76 11.74 14.91
C ARG A 410 10.42 11.02 14.89
N GLN A 411 9.96 10.70 13.69
CA GLN A 411 8.69 10.00 13.48
C GLN A 411 8.52 8.87 14.48
N SER A 412 7.27 8.68 14.93
CA SER A 412 6.97 7.62 15.87
C SER A 412 6.98 6.29 15.11
N ALA A 413 6.74 6.36 13.81
CA ALA A 413 6.73 5.17 12.97
C ALA A 413 8.15 4.74 12.62
N PHE A 414 9.12 5.60 12.93
CA PHE A 414 10.53 5.31 12.64
C PHE A 414 11.30 4.84 13.87
N ILE A 415 10.60 4.45 14.92
CA ILE A 415 11.27 3.99 16.14
C ILE A 415 10.75 2.64 16.63
N SER A 416 11.59 1.96 17.41
CA SER A 416 11.28 0.68 18.02
C SER A 416 10.42 -0.30 17.23
N GLY A 417 9.25 -0.60 17.77
CA GLY A 417 8.32 -1.54 17.16
C GLY A 417 7.83 -1.18 15.76
N SER A 418 7.71 0.11 15.48
CA SER A 418 7.25 0.55 14.17
C SER A 418 8.37 0.43 13.13
N LEU A 419 9.61 0.74 13.54
CA LEU A 419 10.73 0.66 12.63
C LEU A 419 10.85 -0.71 11.95
N GLN A 420 10.68 -1.77 12.74
CA GLN A 420 10.79 -3.12 12.18
C GLN A 420 9.70 -3.45 11.16
N MET A 421 8.61 -2.69 11.17
CA MET A 421 7.54 -2.92 10.20
C MET A 421 7.91 -2.35 8.84
N LEU A 422 8.61 -1.22 8.83
CA LEU A 422 8.96 -0.55 7.58
C LEU A 422 10.43 -0.52 7.15
N ALA A 423 11.32 -1.14 7.92
CA ALA A 423 12.74 -1.13 7.58
C ALA A 423 13.08 -1.72 6.21
N PHE A 424 12.39 -2.80 5.82
CA PHE A 424 12.66 -3.43 4.53
C PHE A 424 11.84 -2.88 3.36
N THR A 425 10.94 -1.95 3.64
CA THR A 425 10.12 -1.37 2.57
C THR A 425 10.47 0.07 2.23
N VAL A 426 10.82 0.87 3.22
CA VAL A 426 11.12 2.27 2.98
C VAL A 426 12.27 2.57 2.02
N PRO A 427 13.32 1.72 1.96
CA PRO A 427 14.40 2.03 1.03
C PRO A 427 13.93 2.18 -0.41
N PHE A 428 12.87 1.45 -0.76
CA PHE A 428 12.37 1.49 -2.13
C PHE A 428 11.39 2.62 -2.39
N ASN A 429 10.95 3.29 -1.32
CA ASN A 429 10.10 4.46 -1.50
C ASN A 429 11.09 5.53 -1.92
N VAL A 430 12.29 5.46 -1.35
CA VAL A 430 13.33 6.45 -1.68
C VAL A 430 13.89 6.22 -3.08
N SER A 431 14.20 4.97 -3.43
CA SER A 431 14.74 4.68 -4.75
C SER A 431 13.66 4.77 -5.83
N GLY A 432 12.41 4.59 -5.44
CA GLY A 432 11.30 4.65 -6.38
C GLY A 432 11.13 3.41 -7.24
N GLN A 433 11.84 2.34 -6.91
CA GLN A 433 11.75 1.10 -7.68
C GLN A 433 10.46 0.34 -7.39
N PRO A 434 9.95 -0.40 -8.37
CA PRO A 434 8.71 -1.16 -8.16
C PRO A 434 8.99 -2.30 -7.19
N ALA A 435 8.11 -2.46 -6.21
CA ALA A 435 8.26 -3.51 -5.19
C ALA A 435 6.91 -4.11 -4.88
N ILE A 436 6.84 -5.44 -4.87
CA ILE A 436 5.58 -6.11 -4.59
C ILE A 436 5.69 -7.08 -3.42
N SER A 437 4.64 -7.15 -2.62
CA SER A 437 4.61 -8.07 -1.49
C SER A 437 3.65 -9.19 -1.88
N LEU A 438 4.14 -10.42 -1.83
CA LEU A 438 3.35 -11.61 -2.17
C LEU A 438 3.07 -12.38 -0.89
N PRO A 439 1.80 -12.80 -0.68
CA PRO A 439 1.38 -13.55 0.51
C PRO A 439 1.79 -15.03 0.47
N ILE A 440 3.09 -15.25 0.43
CA ILE A 440 3.65 -16.60 0.36
C ILE A 440 3.88 -17.30 1.70
N GLY A 441 4.05 -16.53 2.77
CA GLY A 441 4.31 -17.15 4.06
C GLY A 441 3.22 -17.03 5.12
N MET A 442 3.40 -17.80 6.19
CA MET A 442 2.50 -17.83 7.34
C MET A 442 3.36 -18.09 8.56
N SER A 443 3.10 -17.36 9.64
CA SER A 443 3.85 -17.53 10.88
C SER A 443 3.42 -18.83 11.55
N SER A 444 4.15 -19.26 12.57
CA SER A 444 3.82 -20.50 13.27
C SER A 444 2.50 -20.34 14.03
N ASP A 445 2.05 -19.10 14.23
CA ASP A 445 0.78 -18.92 14.93
C ASP A 445 -0.33 -18.41 14.00
N GLY A 446 -0.21 -18.77 12.72
CA GLY A 446 -1.21 -18.43 11.72
C GLY A 446 -1.39 -17.03 11.19
N MET A 447 -0.35 -16.21 11.24
CA MET A 447 -0.41 -14.83 10.74
C MET A 447 0.34 -14.73 9.43
N PRO A 448 -0.25 -14.07 8.42
CA PRO A 448 0.42 -13.93 7.12
C PRO A 448 1.80 -13.27 7.19
N ILE A 449 2.70 -13.75 6.34
CA ILE A 449 4.06 -13.22 6.23
C ILE A 449 4.28 -12.97 4.74
N GLY A 450 4.52 -11.72 4.39
CA GLY A 450 4.74 -11.40 2.99
C GLY A 450 6.18 -11.53 2.54
N VAL A 451 6.35 -11.83 1.25
CA VAL A 451 7.67 -11.95 0.65
C VAL A 451 7.72 -10.83 -0.39
N GLN A 452 8.75 -10.00 -0.30
CA GLN A 452 8.89 -8.85 -1.19
C GLN A 452 9.88 -9.11 -2.32
N ILE A 453 9.52 -8.62 -3.50
CA ILE A 453 10.37 -8.73 -4.68
C ILE A 453 10.54 -7.30 -5.22
N VAL A 454 11.77 -6.92 -5.51
CA VAL A 454 12.07 -5.58 -6.01
C VAL A 454 12.79 -5.68 -7.35
N ALA A 455 12.31 -4.95 -8.35
CA ALA A 455 12.91 -4.95 -9.68
C ALA A 455 13.48 -3.59 -10.02
N ALA A 456 14.19 -3.49 -11.14
CA ALA A 456 14.79 -2.23 -11.55
C ALA A 456 13.72 -1.18 -11.83
N TYR A 457 14.11 0.09 -11.72
CA TYR A 457 13.22 1.22 -11.96
C TYR A 457 12.45 1.01 -13.27
N GLY A 458 11.13 1.07 -13.21
CA GLY A 458 10.31 0.90 -14.39
C GLY A 458 10.05 -0.52 -14.86
N ARG A 459 10.62 -1.53 -14.21
CA ARG A 459 10.42 -2.90 -14.67
C ARG A 459 9.31 -3.72 -14.03
N GLU A 460 8.11 -3.16 -13.93
CA GLU A 460 6.99 -3.89 -13.37
C GLU A 460 6.71 -5.13 -14.23
N ASP A 461 7.10 -5.08 -15.50
CA ASP A 461 6.88 -6.21 -16.39
C ASP A 461 7.60 -7.47 -15.88
N LEU A 462 8.89 -7.32 -15.57
CA LEU A 462 9.69 -8.44 -15.06
C LEU A 462 9.18 -8.84 -13.67
N LEU A 463 8.83 -7.84 -12.87
CA LEU A 463 8.34 -8.10 -11.53
C LEU A 463 7.09 -8.96 -11.54
N LEU A 464 6.10 -8.58 -12.33
CA LEU A 464 4.85 -9.33 -12.42
C LEU A 464 5.06 -10.71 -13.01
N GLN A 465 6.00 -10.83 -13.93
CA GLN A 465 6.30 -12.11 -14.55
C GLN A 465 6.82 -13.09 -13.49
N VAL A 466 7.80 -12.66 -12.70
CA VAL A 466 8.34 -13.52 -11.66
C VAL A 466 7.33 -13.73 -10.54
N ALA A 467 6.48 -12.74 -10.29
CA ALA A 467 5.47 -12.88 -9.25
C ALA A 467 4.51 -13.99 -9.69
N ALA A 468 4.14 -13.98 -10.96
CA ALA A 468 3.23 -15.00 -11.48
C ALA A 468 3.87 -16.38 -11.34
N GLN A 469 5.19 -16.46 -11.52
CA GLN A 469 5.89 -17.74 -11.38
C GLN A 469 5.82 -18.23 -9.95
N LEU A 470 6.01 -17.33 -8.99
CA LEU A 470 5.97 -17.71 -7.57
C LEU A 470 4.55 -18.07 -7.15
N GLU A 471 3.59 -17.37 -7.75
CA GLU A 471 2.18 -17.62 -7.45
C GLU A 471 1.85 -19.05 -7.88
N GLY A 472 2.50 -19.50 -8.94
CA GLY A 472 2.27 -20.85 -9.44
C GLY A 472 3.01 -21.91 -8.64
N ALA A 473 4.19 -21.55 -8.13
CA ALA A 473 5.02 -22.48 -7.37
C ALA A 473 4.63 -22.58 -5.90
N LEU A 474 4.15 -21.48 -5.33
CA LEU A 474 3.75 -21.44 -3.93
C LEU A 474 2.38 -20.79 -3.80
N PRO A 475 1.36 -21.36 -4.46
CA PRO A 475 0.00 -20.82 -4.44
C PRO A 475 -0.51 -20.58 -3.01
N TRP A 476 -1.19 -19.44 -2.83
CA TRP A 476 -1.71 -19.06 -1.52
C TRP A 476 -3.23 -18.96 -1.48
N VAL A 477 -3.87 -19.01 -2.64
CA VAL A 477 -5.32 -18.89 -2.71
C VAL A 477 -6.07 -19.87 -1.80
N ALA A 478 -5.47 -21.02 -1.52
CA ALA A 478 -6.10 -22.02 -0.66
C ALA A 478 -6.33 -21.52 0.76
N ARG A 479 -5.49 -20.61 1.22
CA ARG A 479 -5.61 -20.08 2.57
C ARG A 479 -6.60 -18.92 2.71
N ARG A 480 -7.37 -18.93 3.79
CA ARG A 480 -8.36 -17.90 4.07
C ARG A 480 -8.36 -17.56 5.55
N PRO A 481 -8.57 -16.27 5.89
CA PRO A 481 -8.58 -15.84 7.29
C PRO A 481 -9.71 -16.51 8.07
N GLN A 482 -9.50 -16.73 9.36
CA GLN A 482 -10.52 -17.37 10.20
C GLN A 482 -11.84 -16.62 10.20
N LEU A 483 -11.76 -15.29 10.05
CA LEU A 483 -12.96 -14.46 10.02
C LEU A 483 -13.96 -14.98 9.00
N LEU A 484 -13.45 -15.68 7.99
CA LEU A 484 -14.30 -16.25 6.95
C LEU A 484 -14.42 -17.76 7.14
N ASN A 485 -14.30 -18.19 8.39
CA ASN A 485 -14.38 -19.61 8.76
C ASN A 485 -13.23 -20.44 8.18
C1 GOL B . 22.18 -8.36 14.77
O1 GOL B . 21.01 -8.70 15.51
C2 GOL B . 22.04 -8.79 13.30
O2 GOL B . 20.90 -8.16 12.71
C3 GOL B . 23.30 -8.41 12.52
O3 GOL B . 22.98 -8.09 11.17
#